data_6SDN
#
_entry.id   6SDN
#
_cell.length_a   58.025
_cell.length_b   58.025
_cell.length_c   397.697
_cell.angle_alpha   90.000
_cell.angle_beta   90.000
_cell.angle_gamma   120.000
#
_symmetry.space_group_name_H-M   'P 61 2 2'
#
loop_
_entity.id
_entity.type
_entity.pdbx_description
1 polymer 'Farnesyl diphosphate synthase'
2 non-polymer 'ZINC ION'
3 non-polymer 4-NITROCATECHOL
4 non-polymer 'SULFATE ION'
5 water water
#
_entity_poly.entity_id   1
_entity_poly.type   'polypeptide(L)'
_entity_poly.pdbx_seq_one_letter_code
;MASMERFLSVYDEVQAFLLDQLQSKYEIDPNRARYLRIMMDTTCLGGKYFRGMTVVNVAEGFLAVTQHDEATKERILHDA
CVGGWMIEFLQAHYLVEDDIMDGSVMRRGKPCWYRFPGVTTQCAINDGIILKSWTQIMAWHYFADRPFLKDLLCLFQKVD
YATAVGQMYDVTSMCDSNKLDPEVAQPMTTDFAEFTPAIYKRIVKYKTTFYTYLLPLVMGLLVSEAAASVEMNLVERVAH
LIGEYFQVQDDVMDCFTPPEQLGKVGTDIEDAKCSWLAVTFLGKANAAQVAEFKANYGEKDPAKVAVVKRLYSKANLQAD
FAAYEAEVVREVESLIEQLKVKSPTFAESVAVVWEKTHKRKK
;
_entity_poly.pdbx_strand_id   A
#
# COMPACT_ATOMS: atom_id res chain seq x y z
N MET A 1 -19.25 10.38 -17.96
CA MET A 1 -19.06 10.78 -16.54
C MET A 1 -17.58 10.68 -16.16
N ALA A 2 -17.07 11.74 -15.53
CA ALA A 2 -15.68 11.76 -15.12
C ALA A 2 -15.40 10.65 -14.12
N SER A 3 -14.23 10.04 -14.24
CA SER A 3 -13.91 8.84 -13.48
C SER A 3 -13.93 9.06 -11.97
N MET A 4 -13.31 10.15 -11.50
CA MET A 4 -13.24 10.38 -10.06
C MET A 4 -14.64 10.59 -9.48
N GLU A 5 -15.47 11.34 -10.18
CA GLU A 5 -16.83 11.55 -9.69
C GLU A 5 -17.63 10.26 -9.68
N ARG A 6 -17.44 9.40 -10.69
CA ARG A 6 -18.10 8.11 -10.64
C ARG A 6 -17.62 7.34 -9.40
N PHE A 7 -16.31 7.32 -9.18
CA PHE A 7 -15.74 6.57 -8.07
C PHE A 7 -16.30 7.06 -6.74
N LEU A 8 -16.41 8.39 -6.56
CA LEU A 8 -16.95 8.92 -5.32
C LEU A 8 -18.43 8.63 -5.19
N SER A 9 -19.18 8.67 -6.30
N SER A 9 -19.18 8.67 -6.30
CA SER A 9 -20.60 8.32 -6.24
CA SER A 9 -20.60 8.33 -6.24
C SER A 9 -20.77 6.88 -5.77
C SER A 9 -20.78 6.88 -5.79
N VAL A 10 -19.89 5.99 -6.23
CA VAL A 10 -20.02 4.58 -5.86
C VAL A 10 -19.68 4.39 -4.38
N TYR A 11 -18.75 5.18 -3.84
CA TYR A 11 -18.53 5.12 -2.40
C TYR A 11 -19.83 5.37 -1.65
N ASP A 12 -20.54 6.44 -1.99
CA ASP A 12 -21.78 6.74 -1.29
C ASP A 12 -22.77 5.59 -1.42
N GLU A 13 -22.83 4.98 -2.60
CA GLU A 13 -23.74 3.87 -2.84
C GLU A 13 -23.36 2.66 -2.00
N VAL A 14 -22.08 2.30 -2.00
CA VAL A 14 -21.63 1.16 -1.24
C VAL A 14 -21.86 1.38 0.25
N GLN A 15 -21.52 2.59 0.72
CA GLN A 15 -21.76 2.90 2.13
C GLN A 15 -23.23 2.73 2.49
N ALA A 16 -24.13 3.27 1.68
CA ALA A 16 -25.55 3.15 1.97
C ALA A 16 -25.99 1.68 1.97
N PHE A 17 -25.49 0.88 1.03
CA PHE A 17 -25.82 -0.53 1.00
C PHE A 17 -25.35 -1.24 2.26
N LEU A 18 -24.11 -1.00 2.66
CA LEU A 18 -23.56 -1.69 3.84
C LEU A 18 -24.36 -1.34 5.08
N LEU A 19 -24.64 -0.05 5.27
CA LEU A 19 -25.36 0.35 6.48
C LEU A 19 -26.81 -0.12 6.43
N ASP A 20 -27.45 -0.10 5.27
CA ASP A 20 -28.82 -0.60 5.19
C ASP A 20 -28.88 -2.09 5.49
N GLN A 21 -27.88 -2.84 5.03
CA GLN A 21 -27.84 -4.27 5.30
C GLN A 21 -27.62 -4.53 6.78
N LEU A 22 -26.82 -3.71 7.43
CA LEU A 22 -26.64 -3.86 8.86
C LEU A 22 -27.96 -3.68 9.60
N GLN A 23 -28.80 -2.75 9.13
CA GLN A 23 -30.11 -2.53 9.74
C GLN A 23 -31.06 -3.68 9.44
N SER A 24 -31.10 -4.16 8.21
CA SER A 24 -32.10 -5.13 7.82
C SER A 24 -31.71 -6.57 8.17
N LYS A 25 -30.41 -6.89 8.30
CA LYS A 25 -29.98 -8.26 8.54
C LYS A 25 -29.14 -8.48 9.79
N TYR A 26 -28.60 -7.43 10.42
CA TYR A 26 -27.72 -7.57 11.57
C TYR A 26 -28.23 -6.82 12.80
N GLU A 27 -29.48 -6.35 12.76
CA GLU A 27 -30.15 -5.76 13.93
C GLU A 27 -29.45 -4.51 14.46
N ILE A 28 -28.74 -3.78 13.60
CA ILE A 28 -28.04 -2.61 14.11
C ILE A 28 -29.05 -1.51 14.43
N ASP A 29 -28.70 -0.70 15.42
CA ASP A 29 -29.40 0.50 15.88
C ASP A 29 -28.80 1.75 15.25
N PRO A 30 -29.56 2.85 15.22
CA PRO A 30 -29.09 4.02 14.45
C PRO A 30 -27.81 4.63 14.99
N ASN A 31 -27.57 4.56 16.30
CA ASN A 31 -26.36 5.19 16.83
C ASN A 31 -25.11 4.41 16.44
N ARG A 32 -25.17 3.08 16.48
CA ARG A 32 -24.02 2.29 16.04
C ARG A 32 -23.86 2.36 14.53
N ALA A 33 -24.95 2.50 13.77
CA ALA A 33 -24.81 2.75 12.33
C ALA A 33 -24.07 4.06 12.08
N ARG A 34 -24.39 5.09 12.86
CA ARG A 34 -23.69 6.38 12.75
C ARG A 34 -22.20 6.23 13.08
N TYR A 35 -21.89 5.53 14.17
CA TYR A 35 -20.49 5.31 14.50
C TYR A 35 -19.76 4.66 13.34
N LEU A 36 -20.35 3.62 12.75
CA LEU A 36 -19.65 2.90 11.68
C LEU A 36 -19.57 3.73 10.41
N ARG A 37 -20.56 4.58 10.15
CA ARG A 37 -20.49 5.50 9.02
C ARG A 37 -19.32 6.46 9.19
N ILE A 38 -19.17 7.03 10.39
CA ILE A 38 -18.08 7.95 10.64
C ILE A 38 -16.75 7.20 10.57
N MET A 39 -16.71 6.00 11.13
CA MET A 39 -15.50 5.19 11.03
C MET A 39 -15.10 4.93 9.59
N MET A 40 -16.08 4.55 8.76
CA MET A 40 -15.81 4.30 7.34
C MET A 40 -15.24 5.54 6.67
N ASP A 41 -15.91 6.69 6.84
CA ASP A 41 -15.45 7.94 6.23
C ASP A 41 -14.05 8.30 6.71
N THR A 42 -13.80 8.16 8.01
CA THR A 42 -12.53 8.63 8.57
C THR A 42 -11.37 7.75 8.13
N THR A 43 -11.62 6.47 7.96
CA THR A 43 -10.54 5.53 7.65
C THR A 43 -10.38 5.28 6.16
N CYS A 44 -11.42 5.52 5.34
CA CYS A 44 -11.35 5.20 3.93
C CYS A 44 -11.20 6.42 3.02
N LEU A 45 -11.59 7.60 3.47
CA LEU A 45 -11.58 8.79 2.64
C LEU A 45 -10.41 9.69 3.03
N GLY A 46 -10.01 10.53 2.09
CA GLY A 46 -9.05 11.57 2.35
C GLY A 46 -7.71 11.37 1.71
N GLY A 47 -7.42 10.19 1.20
CA GLY A 47 -6.24 9.97 0.39
C GLY A 47 -6.49 10.33 -1.06
N LYS A 48 -5.55 9.91 -1.91
CA LYS A 48 -5.58 10.21 -3.34
C LYS A 48 -6.36 9.16 -4.15
N TYR A 49 -6.68 8.04 -3.53
CA TYR A 49 -7.37 6.92 -4.17
C TYR A 49 -6.58 6.37 -5.35
N PHE A 50 -5.25 6.46 -5.29
CA PHE A 50 -4.42 5.95 -6.39
C PHE A 50 -4.77 4.51 -6.71
N ARG A 51 -4.89 3.67 -5.68
CA ARG A 51 -5.09 2.25 -5.90
C ARG A 51 -6.45 1.97 -6.50
N GLY A 52 -7.51 2.50 -5.89
CA GLY A 52 -8.84 2.26 -6.42
C GLY A 52 -9.00 2.78 -7.83
N MET A 53 -8.51 3.99 -8.08
CA MET A 53 -8.66 4.59 -9.39
C MET A 53 -7.86 3.88 -10.46
N THR A 54 -6.80 3.15 -10.09
CA THR A 54 -6.10 2.34 -11.09
C THR A 54 -7.02 1.29 -11.68
N VAL A 55 -7.91 0.69 -10.86
CA VAL A 55 -8.86 -0.29 -11.39
C VAL A 55 -9.73 0.36 -12.45
N VAL A 56 -10.25 1.55 -12.13
CA VAL A 56 -11.13 2.28 -13.04
C VAL A 56 -10.38 2.66 -14.31
N ASN A 57 -9.14 3.16 -14.17
CA ASN A 57 -8.41 3.61 -15.35
C ASN A 57 -8.06 2.44 -16.27
N VAL A 58 -7.66 1.30 -15.71
CA VAL A 58 -7.40 0.12 -16.53
C VAL A 58 -8.66 -0.25 -17.29
N ALA A 59 -9.79 -0.28 -16.61
CA ALA A 59 -11.04 -0.66 -17.28
C ALA A 59 -11.41 0.34 -18.37
N GLU A 60 -11.19 1.64 -18.11
CA GLU A 60 -11.46 2.66 -19.11
C GLU A 60 -10.61 2.44 -20.34
N GLY A 61 -9.36 2.01 -20.16
CA GLY A 61 -8.52 1.78 -21.32
C GLY A 61 -9.08 0.70 -22.22
N PHE A 62 -9.55 -0.40 -21.64
CA PHE A 62 -10.10 -1.46 -22.47
C PHE A 62 -11.43 -1.06 -23.11
N LEU A 63 -12.24 -0.24 -22.42
CA LEU A 63 -13.49 0.19 -23.02
C LEU A 63 -13.26 0.95 -24.31
N ALA A 64 -12.17 1.69 -24.38
CA ALA A 64 -11.92 2.51 -25.56
C ALA A 64 -11.63 1.68 -26.80
N VAL A 65 -11.25 0.40 -26.65
CA VAL A 65 -10.88 -0.40 -27.80
C VAL A 65 -11.76 -1.64 -27.96
N THR A 66 -12.82 -1.77 -27.17
CA THR A 66 -13.62 -2.99 -27.15
C THR A 66 -15.08 -2.65 -27.42
N GLN A 67 -15.75 -3.48 -28.23
CA GLN A 67 -17.14 -3.24 -28.61
C GLN A 67 -18.05 -3.67 -27.45
N HIS A 68 -18.91 -2.74 -27.01
CA HIS A 68 -19.84 -3.02 -25.94
C HIS A 68 -21.11 -2.18 -26.10
N ASP A 69 -22.24 -2.73 -25.67
CA ASP A 69 -23.42 -1.91 -25.44
C ASP A 69 -23.14 -0.88 -24.36
N GLU A 70 -23.88 0.24 -24.40
CA GLU A 70 -23.69 1.28 -23.38
C GLU A 70 -23.93 0.73 -21.98
N ALA A 71 -24.96 -0.10 -21.81
CA ALA A 71 -25.23 -0.64 -20.50
C ALA A 71 -24.09 -1.51 -20.00
N THR A 72 -23.38 -2.16 -20.92
CA THR A 72 -22.23 -2.97 -20.52
C THR A 72 -21.07 -2.09 -20.09
N LYS A 73 -20.83 -0.99 -20.81
CA LYS A 73 -19.82 -0.03 -20.38
C LYS A 73 -20.11 0.44 -18.95
N GLU A 74 -21.36 0.78 -18.67
CA GLU A 74 -21.73 1.24 -17.34
C GLU A 74 -21.54 0.16 -16.29
N ARG A 75 -21.86 -1.09 -16.62
CA ARG A 75 -21.65 -2.19 -15.68
C ARG A 75 -20.18 -2.37 -15.38
N ILE A 76 -19.34 -2.35 -16.42
CA ILE A 76 -17.91 -2.55 -16.23
C ILE A 76 -17.34 -1.44 -15.36
N LEU A 77 -17.70 -0.19 -15.63
CA LEU A 77 -17.16 0.91 -14.83
C LEU A 77 -17.68 0.86 -13.41
N HIS A 78 -18.93 0.50 -13.21
CA HIS A 78 -19.42 0.35 -11.84
C HIS A 78 -18.67 -0.77 -11.12
N ASP A 79 -18.46 -1.89 -11.78
CA ASP A 79 -17.70 -3.00 -11.21
C ASP A 79 -16.28 -2.53 -10.87
N ALA A 80 -15.67 -1.75 -11.76
CA ALA A 80 -14.32 -1.27 -11.50
C ALA A 80 -14.29 -0.39 -10.27
N CYS A 81 -15.32 0.43 -10.07
CA CYS A 81 -15.38 1.29 -8.90
C CYS A 81 -15.56 0.47 -7.62
N VAL A 82 -16.46 -0.51 -7.63
CA VAL A 82 -16.63 -1.37 -6.46
C VAL A 82 -15.34 -2.11 -6.16
N GLY A 83 -14.69 -2.66 -7.18
CA GLY A 83 -13.43 -3.35 -6.97
C GLY A 83 -12.35 -2.42 -6.43
N GLY A 84 -12.31 -1.20 -6.94
CA GLY A 84 -11.39 -0.22 -6.42
C GLY A 84 -11.66 0.09 -4.95
N TRP A 85 -12.93 0.20 -4.57
CA TRP A 85 -13.22 0.43 -3.15
C TRP A 85 -12.86 -0.77 -2.29
N MET A 86 -12.99 -2.00 -2.82
CA MET A 86 -12.50 -3.15 -2.07
C MET A 86 -11.03 -2.96 -1.71
N ILE A 87 -10.22 -2.47 -2.66
CA ILE A 87 -8.80 -2.29 -2.38
C ILE A 87 -8.59 -1.15 -1.37
N GLU A 88 -9.34 -0.05 -1.53
CA GLU A 88 -9.22 1.07 -0.59
C GLU A 88 -9.63 0.66 0.81
N PHE A 89 -10.65 -0.20 0.93
CA PHE A 89 -11.08 -0.65 2.26
C PHE A 89 -10.07 -1.64 2.85
N LEU A 90 -9.47 -2.47 2.00
CA LEU A 90 -8.38 -3.34 2.46
C LEU A 90 -7.22 -2.50 3.00
N GLN A 91 -6.80 -1.48 2.25
CA GLN A 91 -5.77 -0.58 2.75
C GLN A 91 -6.20 0.03 4.08
N ALA A 92 -7.45 0.47 4.17
CA ALA A 92 -7.91 1.13 5.39
C ALA A 92 -7.79 0.19 6.58
N HIS A 93 -8.14 -1.07 6.41
CA HIS A 93 -7.90 -2.09 7.43
C HIS A 93 -6.45 -2.09 7.88
N TYR A 94 -5.52 -2.21 6.94
CA TYR A 94 -4.10 -2.30 7.30
C TYR A 94 -3.60 -1.01 7.93
N LEU A 95 -4.09 0.15 7.51
CA LEU A 95 -3.60 1.38 8.12
C LEU A 95 -4.10 1.52 9.56
N VAL A 96 -5.36 1.16 9.81
CA VAL A 96 -5.90 1.18 11.17
C VAL A 96 -5.08 0.26 12.07
N GLU A 97 -4.85 -0.97 11.63
CA GLU A 97 -4.17 -1.94 12.48
C GLU A 97 -2.69 -1.60 12.60
N ASP A 98 -2.04 -1.18 11.50
CA ASP A 98 -0.62 -0.81 11.56
C ASP A 98 -0.39 0.37 12.46
N ASP A 99 -1.28 1.37 12.43
CA ASP A 99 -1.09 2.53 13.30
C ASP A 99 -1.15 2.10 14.77
N ILE A 100 -2.05 1.17 15.12
CA ILE A 100 -2.08 0.64 16.48
C ILE A 100 -0.80 -0.15 16.78
N MET A 101 -0.43 -1.06 15.89
CA MET A 101 0.75 -1.89 16.08
C MET A 101 2.00 -1.04 16.36
N ASP A 102 2.13 0.07 15.64
CA ASP A 102 3.33 0.90 15.62
C ASP A 102 3.26 2.04 16.62
N GLY A 103 2.14 2.23 17.31
CA GLY A 103 2.02 3.38 18.18
C GLY A 103 2.09 4.70 17.43
N SER A 104 1.60 4.72 16.20
CA SER A 104 1.64 5.93 15.41
C SER A 104 0.70 6.99 15.97
N VAL A 105 1.03 8.25 15.70
CA VAL A 105 0.33 9.39 16.28
C VAL A 105 -0.59 10.03 15.27
N MET A 106 -0.08 10.33 14.07
N MET A 106 -0.08 10.30 14.06
CA MET A 106 -0.86 10.98 13.04
CA MET A 106 -0.83 10.99 13.03
C MET A 106 -0.78 10.20 11.75
C MET A 106 -0.75 10.21 11.73
N ARG A 107 -1.73 10.48 10.87
CA ARG A 107 -1.73 9.98 9.53
C ARG A 107 -2.47 11.02 8.70
N ARG A 108 -1.82 11.55 7.68
CA ARG A 108 -2.45 12.54 6.80
C ARG A 108 -2.87 13.78 7.61
N GLY A 109 -2.03 14.18 8.56
CA GLY A 109 -2.28 15.38 9.33
C GLY A 109 -3.38 15.29 10.35
N LYS A 110 -3.98 14.13 10.57
CA LYS A 110 -5.03 13.93 11.55
C LYS A 110 -4.65 12.79 12.48
N PRO A 111 -5.27 12.72 13.68
CA PRO A 111 -4.92 11.63 14.59
C PRO A 111 -5.25 10.29 13.96
N CYS A 112 -4.41 9.31 14.24
CA CYS A 112 -4.75 7.94 13.91
C CYS A 112 -6.10 7.56 14.55
N TRP A 113 -6.85 6.70 13.86
CA TRP A 113 -8.21 6.37 14.30
C TRP A 113 -8.26 5.93 15.76
N TYR A 114 -7.34 5.05 16.18
CA TYR A 114 -7.44 4.54 17.55
C TYR A 114 -7.27 5.64 18.59
N ARG A 115 -6.71 6.78 18.22
CA ARG A 115 -6.47 7.89 19.13
C ARG A 115 -7.65 8.83 19.26
N PHE A 116 -8.70 8.65 18.45
CA PHE A 116 -9.90 9.45 18.63
C PHE A 116 -10.46 9.20 20.04
N PRO A 117 -10.91 10.23 20.75
CA PRO A 117 -11.28 10.04 22.15
C PRO A 117 -12.34 8.99 22.39
N GLY A 118 -13.32 8.88 21.50
CA GLY A 118 -14.43 7.95 21.60
C GLY A 118 -14.22 6.66 20.87
N VAL A 119 -12.99 6.37 20.44
CA VAL A 119 -12.70 5.12 19.75
C VAL A 119 -11.94 4.19 20.71
N THR A 120 -10.67 4.49 20.96
CA THR A 120 -9.74 3.70 21.76
C THR A 120 -9.31 2.43 21.04
N THR A 121 -8.19 1.87 21.49
CA THR A 121 -7.63 0.68 20.87
C THR A 121 -8.61 -0.49 20.93
N GLN A 122 -9.35 -0.60 22.03
CA GLN A 122 -10.29 -1.70 22.20
C GLN A 122 -11.28 -1.73 21.05
N CYS A 123 -11.82 -0.58 20.68
CA CYS A 123 -12.74 -0.49 19.54
C CYS A 123 -12.01 -0.53 18.20
N ALA A 124 -10.88 0.17 18.10
CA ALA A 124 -10.25 0.36 16.80
C ALA A 124 -9.75 -0.96 16.20
N ILE A 125 -9.22 -1.87 17.01
CA ILE A 125 -8.81 -3.17 16.46
C ILE A 125 -9.98 -3.82 15.76
N ASN A 126 -11.14 -3.83 16.40
CA ASN A 126 -12.31 -4.46 15.81
C ASN A 126 -12.84 -3.65 14.63
N ASP A 127 -12.79 -2.32 14.70
CA ASP A 127 -13.17 -1.52 13.55
C ASP A 127 -12.36 -1.91 12.32
N GLY A 128 -11.05 -2.14 12.51
CA GLY A 128 -10.23 -2.57 11.39
C GLY A 128 -10.67 -3.93 10.86
N ILE A 129 -11.08 -4.83 11.75
CA ILE A 129 -11.62 -6.11 11.31
C ILE A 129 -12.87 -5.90 10.47
N ILE A 130 -13.77 -5.02 10.90
CA ILE A 130 -14.96 -4.73 10.12
C ILE A 130 -14.59 -4.20 8.73
N LEU A 131 -13.61 -3.29 8.64
CA LEU A 131 -13.20 -2.77 7.34
C LEU A 131 -12.85 -3.90 6.38
N LYS A 132 -12.07 -4.88 6.86
CA LYS A 132 -11.73 -6.03 6.03
C LYS A 132 -12.97 -6.84 5.64
N SER A 133 -13.86 -7.07 6.61
CA SER A 133 -15.08 -7.83 6.30
C SER A 133 -15.89 -7.13 5.21
N TRP A 134 -15.97 -5.80 5.26
CA TRP A 134 -16.72 -5.07 4.27
C TRP A 134 -16.22 -5.31 2.87
N THR A 135 -14.91 -5.55 2.69
CA THR A 135 -14.42 -5.86 1.34
C THR A 135 -15.12 -7.07 0.76
N GLN A 136 -15.37 -8.09 1.60
CA GLN A 136 -16.01 -9.31 1.13
C GLN A 136 -17.52 -9.13 0.99
N ILE A 137 -18.14 -8.42 1.93
CA ILE A 137 -19.57 -8.17 1.84
C ILE A 137 -19.90 -7.45 0.54
N MET A 138 -19.10 -6.44 0.17
CA MET A 138 -19.41 -5.73 -1.08
C MET A 138 -19.15 -6.62 -2.30
N ALA A 139 -18.11 -7.47 -2.26
CA ALA A 139 -17.87 -8.34 -3.40
C ALA A 139 -19.02 -9.33 -3.61
N TRP A 140 -19.47 -9.98 -2.54
CA TRP A 140 -20.53 -10.97 -2.71
C TRP A 140 -21.83 -10.31 -3.18
N HIS A 141 -22.10 -9.08 -2.74
CA HIS A 141 -23.33 -8.43 -3.17
C HIS A 141 -23.25 -8.00 -4.63
N TYR A 142 -22.22 -7.24 -4.99
CA TYR A 142 -22.19 -6.61 -6.31
C TYR A 142 -21.74 -7.58 -7.40
N PHE A 143 -20.94 -8.59 -7.07
CA PHE A 143 -20.34 -9.48 -8.07
C PHE A 143 -20.93 -10.89 -8.03
N ALA A 144 -22.06 -11.09 -7.33
CA ALA A 144 -22.62 -12.42 -7.13
C ALA A 144 -22.72 -13.22 -8.41
N ASP A 145 -23.18 -12.61 -9.48
CA ASP A 145 -23.43 -13.36 -10.70
C ASP A 145 -22.31 -13.22 -11.73
N ARG A 146 -21.20 -12.60 -11.36
CA ARG A 146 -20.18 -12.24 -12.33
C ARG A 146 -19.24 -13.41 -12.64
N PRO A 147 -18.82 -13.54 -13.89
CA PRO A 147 -17.92 -14.66 -14.23
C PRO A 147 -16.58 -14.57 -13.55
N PHE A 148 -16.14 -13.36 -13.19
CA PHE A 148 -14.84 -13.16 -12.58
C PHE A 148 -14.84 -13.28 -11.05
N LEU A 149 -15.98 -13.60 -10.43
CA LEU A 149 -16.07 -13.56 -8.97
C LEU A 149 -15.04 -14.47 -8.32
N LYS A 150 -14.96 -15.72 -8.78
CA LYS A 150 -14.04 -16.67 -8.18
C LYS A 150 -12.60 -16.21 -8.30
N ASP A 151 -12.19 -15.81 -9.51
CA ASP A 151 -10.81 -15.35 -9.70
C ASP A 151 -10.51 -14.13 -8.85
N LEU A 152 -11.46 -13.21 -8.78
CA LEU A 152 -11.26 -11.97 -8.02
C LEU A 152 -11.11 -12.25 -6.53
N LEU A 153 -11.99 -13.08 -5.95
CA LEU A 153 -11.86 -13.41 -4.53
C LEU A 153 -10.59 -14.16 -4.23
N CYS A 154 -10.19 -15.08 -5.11
CA CYS A 154 -8.97 -15.84 -4.86
C CYS A 154 -7.75 -14.92 -4.90
N LEU A 155 -7.67 -14.05 -5.91
CA LEU A 155 -6.61 -13.07 -5.99
C LEU A 155 -6.60 -12.17 -4.75
N PHE A 156 -7.76 -11.66 -4.37
CA PHE A 156 -7.84 -10.73 -3.24
C PHE A 156 -7.29 -11.37 -1.98
N GLN A 157 -7.67 -12.62 -1.70
CA GLN A 157 -7.23 -13.22 -0.46
C GLN A 157 -5.74 -13.53 -0.50
N LYS A 158 -5.19 -13.92 -1.67
CA LYS A 158 -3.74 -14.09 -1.78
C LYS A 158 -3.01 -12.79 -1.50
N VAL A 159 -3.51 -11.68 -2.03
CA VAL A 159 -2.86 -10.39 -1.84
C VAL A 159 -2.97 -9.95 -0.39
N ASP A 160 -4.15 -10.15 0.24
CA ASP A 160 -4.31 -9.87 1.66
C ASP A 160 -3.28 -10.64 2.47
N TYR A 161 -3.14 -11.93 2.19
CA TYR A 161 -2.19 -12.76 2.90
C TYR A 161 -0.77 -12.29 2.68
N ALA A 162 -0.39 -12.03 1.42
CA ALA A 162 0.95 -11.50 1.15
C ALA A 162 1.24 -10.27 1.98
N THR A 163 0.25 -9.38 2.09
CA THR A 163 0.43 -8.13 2.81
C THR A 163 0.69 -8.40 4.29
N ALA A 164 -0.05 -9.33 4.89
CA ALA A 164 0.17 -9.66 6.29
C ALA A 164 1.54 -10.31 6.49
N VAL A 165 1.95 -11.18 5.58
CA VAL A 165 3.29 -11.75 5.63
C VAL A 165 4.34 -10.65 5.53
N GLY A 166 4.14 -9.70 4.60
CA GLY A 166 5.05 -8.57 4.49
C GLY A 166 5.12 -7.73 5.75
N GLN A 167 3.98 -7.54 6.42
CA GLN A 167 3.97 -6.84 7.70
C GLN A 167 4.84 -7.56 8.73
N MET A 168 4.79 -8.90 8.74
CA MET A 168 5.68 -9.66 9.60
C MET A 168 7.14 -9.40 9.25
N TYR A 169 7.47 -9.44 7.95
CA TYR A 169 8.83 -9.15 7.52
C TYR A 169 9.27 -7.77 7.98
N ASP A 170 8.37 -6.78 7.91
CA ASP A 170 8.69 -5.40 8.31
C ASP A 170 8.91 -5.26 9.82
N VAL A 171 7.97 -5.77 10.61
N VAL A 171 7.98 -5.76 10.63
CA VAL A 171 8.03 -5.58 12.07
CA VAL A 171 8.06 -5.54 12.08
C VAL A 171 9.28 -6.24 12.64
C VAL A 171 9.14 -6.37 12.75
N THR A 172 9.72 -7.34 12.03
CA THR A 172 10.84 -8.12 12.53
C THR A 172 12.17 -7.77 11.84
N SER A 173 12.22 -6.70 11.06
CA SER A 173 13.37 -6.46 10.19
C SER A 173 14.57 -5.92 10.94
N MET A 174 14.41 -5.52 12.20
CA MET A 174 15.49 -5.00 13.00
C MET A 174 15.99 -6.01 14.01
N CYS A 175 15.52 -7.24 13.94
N CYS A 175 15.52 -7.24 13.97
CA CYS A 175 15.98 -8.32 14.80
CA CYS A 175 16.08 -8.26 14.83
C CYS A 175 16.76 -9.35 14.00
C CYS A 175 16.86 -9.26 13.99
N ASP A 176 17.62 -10.09 14.68
CA ASP A 176 18.38 -11.14 14.02
C ASP A 176 17.46 -12.35 13.85
N SER A 177 17.39 -12.88 12.61
CA SER A 177 16.42 -13.93 12.33
C SER A 177 16.63 -15.13 13.25
N ASN A 178 17.88 -15.50 13.51
CA ASN A 178 18.15 -16.71 14.27
C ASN A 178 17.76 -16.58 15.73
N LYS A 179 17.48 -15.37 16.20
CA LYS A 179 17.04 -15.18 17.57
C LYS A 179 15.53 -15.01 17.72
N LEU A 180 14.77 -15.04 16.63
CA LEU A 180 13.31 -14.97 16.75
C LEU A 180 12.84 -16.12 17.62
N ASP A 181 11.94 -15.82 18.55
CA ASP A 181 11.52 -16.78 19.56
C ASP A 181 10.37 -16.18 20.36
N PRO A 182 9.15 -16.70 20.25
CA PRO A 182 8.06 -16.16 21.06
C PRO A 182 8.34 -16.13 22.56
N GLU A 183 9.21 -17.01 23.06
CA GLU A 183 9.49 -17.08 24.49
C GLU A 183 10.47 -16.02 24.99
N VAL A 184 11.17 -15.31 24.11
CA VAL A 184 12.30 -14.49 24.53
C VAL A 184 12.16 -13.08 23.94
N ALA A 185 12.25 -12.07 24.79
CA ALA A 185 12.12 -10.69 24.32
C ALA A 185 13.22 -10.38 23.30
N GLN A 186 12.83 -9.70 22.23
CA GLN A 186 13.68 -9.61 21.05
C GLN A 186 14.61 -8.41 21.13
N PRO A 187 15.93 -8.61 21.12
CA PRO A 187 16.84 -7.48 21.02
C PRO A 187 17.02 -7.01 19.59
N MET A 188 17.26 -5.71 19.46
CA MET A 188 17.64 -5.16 18.16
C MET A 188 18.98 -5.76 17.71
N THR A 189 19.10 -5.97 16.41
CA THR A 189 20.37 -6.41 15.85
C THR A 189 21.49 -5.48 16.28
N THR A 190 22.67 -6.06 16.49
CA THR A 190 23.85 -5.23 16.64
C THR A 190 24.74 -5.25 15.40
N ASP A 191 24.73 -6.32 14.60
CA ASP A 191 25.61 -6.37 13.43
C ASP A 191 24.97 -5.84 12.16
N PHE A 192 23.65 -5.66 12.11
CA PHE A 192 22.95 -5.15 10.94
C PHE A 192 23.27 -5.98 9.69
N ALA A 193 23.62 -7.24 9.88
CA ALA A 193 23.97 -8.09 8.73
C ALA A 193 22.78 -8.35 7.84
N GLU A 194 21.57 -8.27 8.37
CA GLU A 194 20.40 -8.51 7.55
C GLU A 194 19.85 -7.23 6.92
N PHE A 195 20.58 -6.12 7.01
CA PHE A 195 20.21 -4.91 6.27
C PHE A 195 20.89 -4.98 4.90
N THR A 196 20.30 -5.78 4.01
CA THR A 196 20.84 -5.98 2.67
C THR A 196 19.78 -5.63 1.64
N PRO A 197 20.19 -5.37 0.40
CA PRO A 197 19.19 -5.12 -0.65
C PRO A 197 18.19 -6.24 -0.82
N ALA A 198 18.64 -7.50 -0.82
CA ALA A 198 17.68 -8.59 -1.06
C ALA A 198 16.66 -8.69 0.07
N ILE A 199 17.09 -8.50 1.31
CA ILE A 199 16.16 -8.59 2.44
C ILE A 199 15.21 -7.40 2.44
N TYR A 200 15.72 -6.21 2.15
CA TYR A 200 14.87 -5.04 1.98
C TYR A 200 13.82 -5.29 0.90
N LYS A 201 14.26 -5.80 -0.25
CA LYS A 201 13.36 -6.06 -1.36
C LYS A 201 12.23 -7.00 -0.97
N ARG A 202 12.54 -8.02 -0.16
CA ARG A 202 11.48 -8.94 0.28
C ARG A 202 10.45 -8.21 1.15
N ILE A 203 10.91 -7.39 2.09
CA ILE A 203 9.95 -6.65 2.91
C ILE A 203 8.98 -5.88 2.04
N VAL A 204 9.54 -5.10 1.11
CA VAL A 204 8.75 -4.18 0.32
C VAL A 204 7.82 -4.92 -0.63
N LYS A 205 8.33 -5.97 -1.26
CA LYS A 205 7.53 -6.75 -2.19
C LYS A 205 6.22 -7.18 -1.55
N TYR A 206 6.32 -7.74 -0.36
CA TYR A 206 5.15 -8.30 0.28
C TYR A 206 4.33 -7.27 1.05
N LYS A 207 4.96 -6.32 1.73
CA LYS A 207 4.19 -5.44 2.60
C LYS A 207 3.40 -4.39 1.80
N THR A 208 3.87 -4.02 0.61
N THR A 208 3.85 -4.04 0.59
CA THR A 208 3.20 -2.97 -0.15
CA THR A 208 3.09 -3.02 -0.14
C THR A 208 2.86 -3.37 -1.59
C THR A 208 2.91 -3.26 -1.63
N THR A 209 3.80 -3.94 -2.33
CA THR A 209 3.62 -3.98 -3.79
C THR A 209 2.42 -4.80 -4.23
N PHE A 210 2.09 -5.89 -3.51
CA PHE A 210 0.96 -6.70 -3.95
C PHE A 210 -0.36 -5.91 -3.88
N TYR A 211 -0.60 -5.20 -2.78
CA TYR A 211 -1.89 -4.53 -2.65
C TYR A 211 -1.91 -3.16 -3.32
N THR A 212 -0.74 -2.53 -3.51
CA THR A 212 -0.69 -1.19 -4.06
C THR A 212 -0.63 -1.18 -5.60
N TYR A 213 -0.01 -2.19 -6.21
CA TYR A 213 0.12 -2.22 -7.67
C TYR A 213 -0.40 -3.49 -8.32
N LEU A 214 -0.06 -4.67 -7.80
N LEU A 214 -0.07 -4.67 -7.80
CA LEU A 214 -0.50 -5.88 -8.46
CA LEU A 214 -0.52 -5.87 -8.49
C LEU A 214 -2.02 -6.03 -8.41
C LEU A 214 -2.03 -6.00 -8.42
N LEU A 215 -2.61 -5.84 -7.22
CA LEU A 215 -4.05 -6.04 -7.08
C LEU A 215 -4.85 -5.05 -7.91
N PRO A 216 -4.55 -3.74 -7.93
CA PRO A 216 -5.34 -2.84 -8.79
C PRO A 216 -5.21 -3.14 -10.26
N LEU A 217 -4.01 -3.47 -10.74
CA LEU A 217 -3.82 -3.78 -12.16
C LEU A 217 -4.60 -5.03 -12.56
N VAL A 218 -4.48 -6.09 -11.77
CA VAL A 218 -5.15 -7.35 -12.13
C VAL A 218 -6.65 -7.26 -11.92
N MET A 219 -7.11 -6.56 -10.88
CA MET A 219 -8.54 -6.33 -10.74
C MET A 219 -9.11 -5.59 -11.94
N GLY A 220 -8.37 -4.61 -12.47
CA GLY A 220 -8.83 -3.94 -13.67
C GLY A 220 -8.98 -4.88 -14.85
N LEU A 221 -8.02 -5.81 -14.99
CA LEU A 221 -8.12 -6.83 -16.03
C LEU A 221 -9.32 -7.74 -15.80
N LEU A 222 -9.53 -8.16 -14.54
CA LEU A 222 -10.62 -9.11 -14.26
C LEU A 222 -11.99 -8.51 -14.54
N VAL A 223 -12.23 -7.27 -14.10
CA VAL A 223 -13.56 -6.71 -14.33
C VAL A 223 -13.80 -6.41 -15.81
N SER A 224 -12.72 -6.32 -16.60
CA SER A 224 -12.76 -6.12 -18.04
C SER A 224 -12.75 -7.44 -18.81
N GLU A 225 -12.69 -8.57 -18.11
CA GLU A 225 -12.58 -9.88 -18.74
C GLU A 225 -11.45 -9.86 -19.78
N ALA A 226 -10.31 -9.30 -19.36
CA ALA A 226 -9.18 -9.04 -20.25
C ALA A 226 -7.88 -9.70 -19.80
N ALA A 227 -7.92 -10.56 -18.78
CA ALA A 227 -6.66 -11.11 -18.27
C ALA A 227 -5.94 -11.95 -19.31
N ALA A 228 -6.67 -12.63 -20.20
CA ALA A 228 -6.00 -13.38 -21.26
C ALA A 228 -5.36 -12.48 -22.31
N SER A 229 -5.58 -11.18 -22.22
CA SER A 229 -5.07 -10.17 -23.13
C SER A 229 -3.64 -9.75 -22.81
N VAL A 230 -3.07 -10.23 -21.70
CA VAL A 230 -1.78 -9.77 -21.21
C VAL A 230 -0.93 -10.97 -20.82
N GLU A 231 0.37 -10.74 -20.71
CA GLU A 231 1.30 -11.72 -20.16
C GLU A 231 1.39 -11.51 -18.64
N MET A 232 0.75 -12.39 -17.88
CA MET A 232 0.67 -12.14 -16.44
C MET A 232 2.04 -12.05 -15.76
N ASN A 233 3.04 -12.81 -16.24
CA ASN A 233 4.33 -12.70 -15.59
C ASN A 233 4.91 -11.30 -15.73
N LEU A 234 4.62 -10.60 -16.82
CA LEU A 234 5.10 -9.23 -16.98
C LEU A 234 4.33 -8.29 -16.07
N VAL A 235 3.03 -8.53 -15.88
CA VAL A 235 2.24 -7.72 -14.97
C VAL A 235 2.85 -7.78 -13.58
N GLU A 236 3.19 -9.00 -13.12
CA GLU A 236 3.78 -9.16 -11.81
C GLU A 236 5.11 -8.43 -11.72
N ARG A 237 5.99 -8.64 -12.72
CA ARG A 237 7.30 -8.02 -12.68
C ARG A 237 7.18 -6.50 -12.63
N VAL A 238 6.28 -5.92 -13.41
CA VAL A 238 6.25 -4.48 -13.44
C VAL A 238 5.58 -3.94 -12.18
N ALA A 239 4.61 -4.65 -11.62
CA ALA A 239 4.00 -4.26 -10.36
C ALA A 239 5.02 -4.27 -9.24
N HIS A 240 5.88 -5.28 -9.20
CA HIS A 240 6.84 -5.36 -8.11
C HIS A 240 7.92 -4.29 -8.27
N LEU A 241 8.28 -3.93 -9.49
CA LEU A 241 9.30 -2.91 -9.74
C LEU A 241 8.79 -1.51 -9.39
N ILE A 242 7.62 -1.13 -9.90
CA ILE A 242 7.06 0.18 -9.57
C ILE A 242 6.79 0.26 -8.07
N GLY A 243 6.26 -0.81 -7.49
CA GLY A 243 5.92 -0.79 -6.07
C GLY A 243 7.14 -0.60 -5.18
N GLU A 244 8.27 -1.18 -5.57
CA GLU A 244 9.49 -0.97 -4.81
C GLU A 244 9.92 0.49 -4.86
N TYR A 245 9.86 1.10 -6.05
CA TYR A 245 10.21 2.52 -6.17
C TYR A 245 9.32 3.36 -5.27
N PHE A 246 8.02 3.05 -5.25
CA PHE A 246 7.08 3.79 -4.42
C PHE A 246 7.49 3.76 -2.96
N GLN A 247 7.85 2.57 -2.46
CA GLN A 247 8.26 2.44 -1.07
C GLN A 247 9.60 3.12 -0.80
N VAL A 248 10.55 3.05 -1.74
CA VAL A 248 11.82 3.74 -1.55
C VAL A 248 11.56 5.24 -1.36
N GLN A 249 10.70 5.82 -2.19
CA GLN A 249 10.34 7.22 -2.02
C GLN A 249 9.73 7.47 -0.65
N ASP A 250 8.84 6.59 -0.21
N ASP A 250 8.84 6.59 -0.19
CA ASP A 250 8.27 6.75 1.13
CA ASP A 250 8.26 6.76 1.14
C ASP A 250 9.35 6.73 2.20
C ASP A 250 9.33 6.72 2.22
N ASP A 251 10.32 5.81 2.07
CA ASP A 251 11.39 5.74 3.06
C ASP A 251 12.19 7.03 3.09
N VAL A 252 12.49 7.60 1.91
CA VAL A 252 13.26 8.83 1.89
C VAL A 252 12.47 9.97 2.53
N MET A 253 11.17 10.04 2.24
CA MET A 253 10.32 11.10 2.79
C MET A 253 10.20 10.98 4.30
N ASP A 254 10.19 9.75 4.83
CA ASP A 254 10.08 9.57 6.28
C ASP A 254 11.17 10.35 6.99
N CYS A 255 12.38 10.32 6.43
CA CYS A 255 13.55 10.96 7.03
C CYS A 255 13.65 12.44 6.71
N PHE A 256 13.34 12.85 5.47
CA PHE A 256 13.75 14.17 5.00
C PHE A 256 12.61 15.13 4.66
N THR A 257 11.39 14.67 4.57
CA THR A 257 10.28 15.55 4.23
C THR A 257 9.74 16.21 5.49
N PRO A 258 9.55 17.54 5.50
CA PRO A 258 9.09 18.20 6.72
C PRO A 258 7.78 17.61 7.21
N PRO A 259 7.59 17.46 8.53
CA PRO A 259 6.35 16.87 9.03
C PRO A 259 5.08 17.56 8.54
N GLU A 260 5.08 18.88 8.40
CA GLU A 260 3.89 19.57 7.92
C GLU A 260 3.49 19.07 6.53
N GLN A 261 4.50 18.77 5.69
CA GLN A 261 4.24 18.24 4.36
C GLN A 261 3.99 16.73 4.40
N LEU A 262 4.71 16.02 5.27
CA LEU A 262 4.59 14.57 5.31
C LEU A 262 3.24 14.12 5.88
N GLY A 263 2.65 14.91 6.78
CA GLY A 263 1.42 14.53 7.44
C GLY A 263 1.62 13.78 8.74
N LYS A 264 2.88 13.57 9.14
CA LYS A 264 3.22 12.90 10.38
C LYS A 264 4.68 13.20 10.67
N VAL A 265 5.09 12.85 11.89
CA VAL A 265 6.50 12.82 12.25
C VAL A 265 7.05 11.44 11.93
N GLY A 266 8.01 11.37 11.03
CA GLY A 266 8.61 10.09 10.70
C GLY A 266 9.52 9.61 11.82
N THR A 267 9.44 8.31 12.12
CA THR A 267 10.25 7.71 13.18
C THR A 267 10.98 6.45 12.72
N ASP A 268 11.24 6.27 11.42
CA ASP A 268 11.88 5.03 10.97
C ASP A 268 13.24 4.83 11.64
N ILE A 269 13.97 5.92 11.89
CA ILE A 269 15.29 5.79 12.51
C ILE A 269 15.15 5.28 13.95
N GLU A 270 14.27 5.91 14.73
CA GLU A 270 14.07 5.50 16.12
C GLU A 270 13.55 4.07 16.19
N ASP A 271 12.71 3.69 15.23
CA ASP A 271 12.11 2.36 15.18
C ASP A 271 13.07 1.32 14.62
N ALA A 272 14.25 1.73 14.16
CA ALA A 272 15.27 0.85 13.63
C ALA A 272 14.80 0.11 12.39
N LYS A 273 13.98 0.76 11.56
CA LYS A 273 13.45 0.08 10.40
C LYS A 273 14.54 -0.23 9.38
N CYS A 274 14.39 -1.36 8.69
CA CYS A 274 15.21 -1.66 7.51
C CYS A 274 14.71 -0.81 6.34
N SER A 275 15.20 0.40 6.26
CA SER A 275 14.80 1.38 5.25
C SER A 275 15.77 1.39 4.09
N TRP A 276 15.34 1.94 2.96
CA TRP A 276 16.25 2.07 1.84
C TRP A 276 17.45 2.92 2.23
N LEU A 277 17.24 3.93 3.05
CA LEU A 277 18.34 4.79 3.47
C LEU A 277 19.37 4.00 4.27
N ALA A 278 18.91 3.21 5.24
CA ALA A 278 19.85 2.47 6.07
C ALA A 278 20.62 1.45 5.26
N VAL A 279 19.93 0.72 4.39
CA VAL A 279 20.56 -0.31 3.57
C VAL A 279 21.58 0.32 2.63
N THR A 280 21.21 1.43 1.98
CA THR A 280 22.10 2.09 1.05
C THR A 280 23.31 2.68 1.79
N PHE A 281 23.08 3.30 2.94
CA PHE A 281 24.18 3.83 3.73
C PHE A 281 25.17 2.73 4.09
N LEU A 282 24.67 1.62 4.64
CA LEU A 282 25.55 0.54 5.06
C LEU A 282 26.26 -0.11 3.88
N GLY A 283 25.67 -0.04 2.67
CA GLY A 283 26.30 -0.55 1.47
C GLY A 283 27.43 0.31 0.92
N LYS A 284 27.63 1.52 1.45
CA LYS A 284 28.69 2.38 0.96
C LYS A 284 29.60 2.90 2.06
N ALA A 285 29.32 2.60 3.32
CA ALA A 285 30.01 3.20 4.44
C ALA A 285 31.38 2.56 4.70
N ASN A 286 32.30 3.35 5.25
CA ASN A 286 33.55 2.81 5.76
C ASN A 286 33.36 2.34 7.21
N ALA A 287 34.41 1.77 7.78
CA ALA A 287 34.31 1.17 9.11
C ALA A 287 33.87 2.20 10.16
N ALA A 288 34.42 3.41 10.10
CA ALA A 288 34.08 4.40 11.11
C ALA A 288 32.63 4.83 10.97
N GLN A 289 32.17 4.96 9.73
CA GLN A 289 30.79 5.32 9.48
C GLN A 289 29.84 4.24 9.96
N VAL A 290 30.18 2.97 9.72
CA VAL A 290 29.36 1.86 10.22
C VAL A 290 29.29 1.91 11.75
N ALA A 291 30.43 2.12 12.40
CA ALA A 291 30.42 2.14 13.85
C ALA A 291 29.57 3.30 14.37
N GLU A 292 29.66 4.46 13.72
CA GLU A 292 28.86 5.59 14.19
C GLU A 292 27.37 5.32 13.99
N PHE A 293 27.01 4.73 12.85
CA PHE A 293 25.63 4.33 12.63
C PHE A 293 25.14 3.39 13.72
N LYS A 294 25.92 2.34 14.02
CA LYS A 294 25.51 1.39 15.06
C LYS A 294 25.32 2.07 16.42
N ALA A 295 26.17 3.04 16.75
CA ALA A 295 26.05 3.68 18.05
C ALA A 295 24.83 4.59 18.16
N ASN A 296 24.16 4.91 17.06
CA ASN A 296 23.06 5.88 17.10
C ASN A 296 21.73 5.39 16.55
N TYR A 297 21.70 4.33 15.76
CA TYR A 297 20.46 3.91 15.13
C TYR A 297 19.52 3.22 16.13
N GLY A 298 18.22 3.41 15.91
CA GLY A 298 17.22 2.69 16.68
C GLY A 298 17.03 3.20 18.09
N GLU A 299 17.29 4.49 18.32
N GLU A 299 17.29 4.49 18.32
CA GLU A 299 17.22 5.10 19.64
CA GLU A 299 17.22 5.09 19.64
C GLU A 299 16.30 6.31 19.60
C GLU A 299 16.33 6.32 19.60
N LYS A 300 15.50 6.49 20.64
CA LYS A 300 14.58 7.61 20.69
C LYS A 300 15.30 8.94 20.89
N ASP A 301 16.45 8.92 21.54
CA ASP A 301 17.25 10.13 21.79
C ASP A 301 17.35 11.02 20.55
N PRO A 302 16.77 12.22 20.56
CA PRO A 302 16.82 13.08 19.35
C PRO A 302 18.24 13.39 18.89
N ALA A 303 19.20 13.51 19.81
CA ALA A 303 20.58 13.75 19.40
C ALA A 303 21.11 12.60 18.55
N LYS A 304 20.70 11.37 18.88
CA LYS A 304 21.17 10.20 18.14
C LYS A 304 20.50 10.12 16.77
N VAL A 305 19.20 10.43 16.72
CA VAL A 305 18.52 10.55 15.43
C VAL A 305 19.21 11.58 14.55
N ALA A 306 19.57 12.74 15.13
CA ALA A 306 20.24 13.78 14.37
C ALA A 306 21.58 13.31 13.83
N VAL A 307 22.30 12.49 14.60
CA VAL A 307 23.55 11.92 14.11
C VAL A 307 23.28 11.07 12.87
N VAL A 308 22.24 10.24 12.91
CA VAL A 308 21.95 9.37 11.79
C VAL A 308 21.60 10.17 10.55
N LYS A 309 20.76 11.22 10.71
CA LYS A 309 20.38 12.00 9.54
C LYS A 309 21.59 12.72 8.94
N ARG A 310 22.53 13.13 9.78
CA ARG A 310 23.75 13.77 9.27
C ARG A 310 24.62 12.77 8.53
N LEU A 311 24.76 11.55 9.07
CA LEU A 311 25.46 10.50 8.35
C LEU A 311 24.86 10.31 6.96
N TYR A 312 23.52 10.24 6.87
CA TYR A 312 22.88 10.08 5.57
C TYR A 312 23.19 11.26 4.65
N SER A 313 23.05 12.48 5.18
CA SER A 313 23.32 13.68 4.39
C SER A 313 24.76 13.69 3.88
N LYS A 314 25.71 13.40 4.77
CA LYS A 314 27.12 13.45 4.38
C LYS A 314 27.47 12.37 3.38
N ALA A 315 26.72 11.27 3.39
CA ALA A 315 26.97 10.13 2.50
C ALA A 315 26.44 10.38 1.08
N ASN A 316 25.77 11.50 0.86
CA ASN A 316 25.27 11.86 -0.47
C ASN A 316 24.35 10.77 -1.01
N LEU A 317 23.37 10.37 -0.20
CA LEU A 317 22.44 9.34 -0.64
C LEU A 317 21.47 9.85 -1.70
N GLN A 318 21.24 11.16 -1.78
CA GLN A 318 20.42 11.69 -2.86
C GLN A 318 20.95 11.27 -4.22
N ALA A 319 22.28 11.14 -4.33
CA ALA A 319 22.86 10.70 -5.59
C ALA A 319 22.63 9.21 -5.81
N ASP A 320 22.69 8.40 -4.75
CA ASP A 320 22.32 6.99 -4.87
C ASP A 320 20.85 6.85 -5.26
N PHE A 321 19.99 7.74 -4.76
CA PHE A 321 18.60 7.68 -5.16
C PHE A 321 18.46 7.99 -6.65
N ALA A 322 19.18 8.99 -7.14
CA ALA A 322 19.09 9.32 -8.56
C ALA A 322 19.52 8.14 -9.41
N ALA A 323 20.56 7.43 -8.99
CA ALA A 323 21.04 6.26 -9.73
C ALA A 323 20.03 5.13 -9.68
N TYR A 324 19.48 4.85 -8.50
CA TYR A 324 18.40 3.88 -8.38
C TYR A 324 17.22 4.24 -9.28
N GLU A 325 16.81 5.52 -9.24
CA GLU A 325 15.71 6.01 -10.05
C GLU A 325 15.97 5.80 -11.52
N ALA A 326 17.20 6.10 -11.96
CA ALA A 326 17.50 5.96 -13.38
C ALA A 326 17.41 4.51 -13.82
N GLU A 327 17.82 3.59 -12.97
CA GLU A 327 17.75 2.18 -13.32
C GLU A 327 16.30 1.69 -13.34
N VAL A 328 15.48 2.17 -12.40
CA VAL A 328 14.05 1.82 -12.43
C VAL A 328 13.39 2.34 -13.70
N VAL A 329 13.64 3.62 -14.05
CA VAL A 329 13.08 4.16 -15.29
C VAL A 329 13.44 3.25 -16.46
N ARG A 330 14.69 2.85 -16.52
CA ARG A 330 15.15 1.98 -17.59
C ARG A 330 14.40 0.65 -17.59
N GLU A 331 14.25 0.03 -16.41
CA GLU A 331 13.64 -1.29 -16.35
C GLU A 331 12.13 -1.22 -16.59
N VAL A 332 11.48 -0.16 -16.08
CA VAL A 332 10.04 -0.04 -16.27
C VAL A 332 9.72 0.21 -17.73
N GLU A 333 10.53 1.05 -18.41
CA GLU A 333 10.31 1.27 -19.84
C GLU A 333 10.48 -0.03 -20.63
N SER A 334 11.42 -0.87 -20.23
CA SER A 334 11.61 -2.16 -20.89
C SER A 334 10.38 -3.05 -20.73
N LEU A 335 9.84 -3.13 -19.51
CA LEU A 335 8.66 -3.96 -19.27
C LEU A 335 7.45 -3.42 -20.01
N ILE A 336 7.31 -2.10 -20.09
CA ILE A 336 6.20 -1.54 -20.84
C ILE A 336 6.29 -1.93 -22.31
N GLU A 337 7.50 -1.90 -22.87
CA GLU A 337 7.69 -2.35 -24.25
C GLU A 337 7.26 -3.79 -24.42
N GLN A 338 7.64 -4.66 -23.48
N GLN A 338 7.63 -4.65 -23.47
CA GLN A 338 7.24 -6.05 -23.60
CA GLN A 338 7.25 -6.05 -23.56
C GLN A 338 5.73 -6.21 -23.49
C GLN A 338 5.75 -6.23 -23.45
N LEU A 339 5.08 -5.40 -22.64
CA LEU A 339 3.63 -5.49 -22.49
C LEU A 339 2.91 -5.13 -23.78
N LYS A 340 3.52 -4.32 -24.64
CA LYS A 340 2.91 -3.96 -25.92
C LYS A 340 2.76 -5.14 -26.86
N VAL A 341 3.54 -6.21 -26.70
CA VAL A 341 3.45 -7.32 -27.63
C VAL A 341 2.04 -7.89 -27.65
N LYS A 342 1.44 -8.08 -26.47
CA LYS A 342 0.07 -8.59 -26.40
C LYS A 342 -0.99 -7.50 -26.20
N SER A 343 -0.67 -6.36 -25.59
CA SER A 343 -1.69 -5.33 -25.36
C SER A 343 -1.09 -3.95 -25.26
N PRO A 344 -1.06 -3.20 -26.38
CA PRO A 344 -0.70 -1.78 -26.28
C PRO A 344 -1.58 -1.00 -25.33
N THR A 345 -2.85 -1.36 -25.21
CA THR A 345 -3.74 -0.62 -24.32
C THR A 345 -3.35 -0.79 -22.86
N PHE A 346 -3.10 -2.02 -22.43
CA PHE A 346 -2.68 -2.22 -21.05
C PHE A 346 -1.31 -1.61 -20.79
N ALA A 347 -0.40 -1.72 -21.77
CA ALA A 347 0.91 -1.10 -21.62
C ALA A 347 0.78 0.39 -21.35
N GLU A 348 -0.14 1.05 -22.05
CA GLU A 348 -0.35 2.48 -21.82
C GLU A 348 -0.91 2.75 -20.43
N SER A 349 -1.81 1.87 -19.94
CA SER A 349 -2.31 2.04 -18.59
C SER A 349 -1.18 1.93 -17.58
N VAL A 350 -0.25 1.00 -17.80
CA VAL A 350 0.90 0.89 -16.91
C VAL A 350 1.82 2.10 -17.03
N ALA A 351 2.02 2.61 -18.26
CA ALA A 351 2.79 3.84 -18.43
C ALA A 351 2.18 4.99 -17.63
N VAL A 352 0.85 5.06 -17.59
CA VAL A 352 0.19 6.11 -16.80
C VAL A 352 0.46 5.89 -15.31
N VAL A 353 0.31 4.66 -14.84
CA VAL A 353 0.61 4.33 -13.44
C VAL A 353 2.04 4.76 -13.08
N TRP A 354 3.01 4.45 -13.96
CA TRP A 354 4.39 4.79 -13.64
C TRP A 354 4.58 6.30 -13.59
N GLU A 355 4.05 7.02 -14.57
CA GLU A 355 4.22 8.48 -14.57
C GLU A 355 3.67 9.09 -13.29
N LYS A 356 2.47 8.66 -12.89
CA LYS A 356 1.89 9.17 -11.65
C LYS A 356 2.79 8.86 -10.45
N THR A 357 3.33 7.64 -10.39
CA THR A 357 4.21 7.27 -9.30
C THR A 357 5.50 8.08 -9.33
N HIS A 358 6.11 8.19 -10.50
CA HIS A 358 7.38 8.89 -10.66
C HIS A 358 7.27 10.35 -10.25
N LYS A 359 6.18 11.01 -10.65
CA LYS A 359 5.96 12.43 -10.40
C LYS A 359 5.24 12.71 -9.09
N ARG A 360 5.23 11.75 -8.17
CA ARG A 360 4.58 11.94 -6.88
C ARG A 360 5.38 12.90 -6.03
#